data_4FBE
#
_entry.id   4FBE
#
_cell.length_a   45.928
_cell.length_b   46.436
_cell.length_c   74.150
_cell.angle_alpha   84.93
_cell.angle_beta   75.17
_cell.angle_gamma   74.47
#
_symmetry.space_group_name_H-M   'P 1'
#
loop_
_entity.id
_entity.type
_entity.pdbx_description
1 polymer 'CG5976, isoform B'
2 non-polymer 1-(3,4-dimethoxyphenyl)-3-[3-(1H-imidazol-1-yl)propyl]thiourea
3 non-polymer 'CHLORIDE ION'
4 non-polymer 'ZINC ION'
5 water water
#
_entity_poly.entity_id   1
_entity_poly.type   'polypeptide(L)'
_entity_poly.pdbx_seq_one_letter_code
;MRGSTDPFELVDIPKISYNPSELSEPRFLEYSNLSDKLHLREAIDKILIPRVVGTTNHSIVREYIVQSLRDLDWDVEVNS
FHDHAPIKGKLHFHNIIATLNPNAERYLVLSAHYDSKYMPGVEFLGATDSAVPAAMLLNLAQVLQEQLKPLKKSKLSLML
LFFDGEEAFEEWGPKDSIYGARHLAKKWHHEGKLDRIDMLVLLDLLGAPDPAFYSFFENTESWYMRIQSVETRLAKLQLL
ERYASSGVAQRDPTRYFQSQAMRSSFIEDDHIPFLRRNVPILHLIPVPFPSVWHTPDDNASVIDYATTDNLALIIRLFAL
EYLLAGTEAK
;
_entity_poly.pdbx_strand_id   A,B
#
# COMPACT_ATOMS: atom_id res chain seq x y z
N GLU A 9 -2.57 -26.36 35.62
CA GLU A 9 -2.64 -25.69 34.29
C GLU A 9 -3.47 -26.46 33.25
N LEU A 10 -3.01 -27.66 32.87
CA LEU A 10 -3.66 -28.44 31.83
C LEU A 10 -4.53 -29.55 32.39
N VAL A 11 -5.76 -29.63 31.88
CA VAL A 11 -6.68 -30.69 32.24
C VAL A 11 -7.19 -31.29 30.94
N ASP A 12 -7.36 -32.60 30.92
CA ASP A 12 -7.96 -33.26 29.76
C ASP A 12 -9.39 -32.85 29.61
N ILE A 13 -9.84 -32.62 28.39
CA ILE A 13 -11.22 -32.21 28.15
C ILE A 13 -12.14 -33.42 28.33
N PRO A 14 -13.21 -33.29 29.15
CA PRO A 14 -14.11 -34.43 29.38
C PRO A 14 -14.97 -34.77 28.17
N LYS A 15 -15.40 -36.03 28.08
CA LYS A 15 -16.15 -36.49 26.91
CA LYS A 15 -16.17 -36.53 26.93
C LYS A 15 -17.43 -35.69 26.66
N ILE A 16 -18.01 -35.15 27.72
CA ILE A 16 -19.23 -34.32 27.62
C ILE A 16 -19.06 -33.15 26.64
N SER A 17 -17.82 -32.68 26.50
CA SER A 17 -17.53 -31.58 25.60
C SER A 17 -17.16 -31.98 24.19
N TYR A 18 -16.96 -33.27 23.93
CA TYR A 18 -16.67 -33.72 22.56
C TYR A 18 -17.85 -33.39 21.68
N ASN A 19 -17.56 -33.01 20.45
CA ASN A 19 -18.55 -32.41 19.59
C ASN A 19 -18.13 -32.64 18.15
N PRO A 20 -18.26 -33.90 17.67
CA PRO A 20 -17.70 -34.24 16.37
C PRO A 20 -18.28 -33.43 15.22
N SER A 21 -17.43 -33.20 14.22
CA SER A 21 -17.80 -32.67 12.92
C SER A 21 -19.10 -33.30 12.43
N GLU A 22 -20.04 -32.47 12.00
CA GLU A 22 -21.37 -32.95 11.61
C GLU A 22 -21.67 -32.89 10.12
N LEU A 23 -20.91 -32.11 9.36
CA LEU A 23 -21.25 -32.00 7.94
C LEU A 23 -21.21 -33.38 7.29
N SER A 24 -22.12 -33.61 6.36
CA SER A 24 -22.16 -34.84 5.58
C SER A 24 -20.86 -35.00 4.80
N GLU A 25 -20.45 -36.25 4.58
CA GLU A 25 -19.20 -36.53 3.88
C GLU A 25 -19.12 -35.76 2.55
N PRO A 26 -20.21 -35.74 1.76
CA PRO A 26 -20.06 -35.02 0.49
C PRO A 26 -19.82 -33.51 0.69
N ARG A 27 -20.49 -32.93 1.69
CA ARG A 27 -20.34 -31.52 1.96
C ARG A 27 -18.98 -31.19 2.58
N PHE A 28 -18.51 -32.05 3.49
CA PHE A 28 -17.18 -31.89 4.09
C PHE A 28 -16.10 -31.99 3.02
N LEU A 29 -16.24 -32.97 2.12
CA LEU A 29 -15.29 -33.10 1.02
C LEU A 29 -15.35 -31.86 0.12
N GLU A 30 -16.55 -31.45 -0.28
CA GLU A 30 -16.70 -30.33 -1.20
C GLU A 30 -16.06 -29.10 -0.60
N TYR A 31 -16.45 -28.75 0.63
CA TYR A 31 -15.97 -27.52 1.28
C TYR A 31 -14.50 -27.54 1.61
N SER A 32 -13.96 -28.71 1.99
CA SER A 32 -12.56 -28.80 2.36
C SER A 32 -11.64 -28.64 1.15
N ASN A 33 -12.17 -28.86 -0.05
CA ASN A 33 -11.43 -28.60 -1.28
C ASN A 33 -11.57 -27.17 -1.84
N LEU A 34 -12.29 -26.30 -1.14
CA LEU A 34 -12.33 -24.89 -1.54
C LEU A 34 -11.14 -24.20 -0.91
N SER A 35 -10.36 -23.51 -1.72
CA SER A 35 -9.26 -22.71 -1.22
C SER A 35 -8.93 -21.59 -2.21
N ASP A 36 -8.10 -20.64 -1.77
CA ASP A 36 -7.53 -19.65 -2.68
C ASP A 36 -6.17 -19.19 -2.16
N LYS A 37 -5.17 -20.04 -2.38
CA LYS A 37 -3.82 -19.81 -1.90
C LYS A 37 -3.30 -18.43 -2.30
N LEU A 38 -3.41 -18.11 -3.60
CA LEU A 38 -2.94 -16.83 -4.14
C LEU A 38 -3.60 -15.65 -3.42
N HIS A 39 -4.91 -15.71 -3.24
CA HIS A 39 -5.62 -14.62 -2.57
C HIS A 39 -5.15 -14.46 -1.11
N LEU A 40 -5.01 -15.58 -0.40
CA LEU A 40 -4.49 -15.59 0.96
C LEU A 40 -3.13 -14.90 0.99
N ARG A 41 -2.24 -15.31 0.08
CA ARG A 41 -0.91 -14.69 -0.03
C ARG A 41 -0.95 -13.19 -0.37
N GLU A 42 -1.89 -12.80 -1.22
CA GLU A 42 -2.10 -11.42 -1.64
C GLU A 42 -2.65 -10.58 -0.51
N ALA A 43 -3.61 -11.14 0.24
CA ALA A 43 -4.15 -10.45 1.40
C ALA A 43 -3.09 -10.23 2.47
N ILE A 44 -2.33 -11.28 2.79
CA ILE A 44 -1.20 -11.13 3.70
C ILE A 44 -0.28 -9.99 3.25
N ASP A 45 0.08 -9.99 1.98
CA ASP A 45 0.99 -8.99 1.43
C ASP A 45 0.46 -7.54 1.60
N LYS A 46 -0.84 -7.35 1.37
CA LYS A 46 -1.46 -6.02 1.48
C LYS A 46 -1.50 -5.52 2.92
N ILE A 47 -1.68 -6.43 3.87
CA ILE A 47 -1.80 -6.05 5.28
C ILE A 47 -0.43 -6.04 5.98
N LEU A 48 0.53 -6.78 5.42
CA LEU A 48 1.83 -6.91 6.08
C LEU A 48 2.66 -5.67 5.82
N ILE A 49 2.23 -4.56 6.43
CA ILE A 49 2.91 -3.27 6.34
C ILE A 49 2.83 -2.62 7.73
N PRO A 50 3.82 -1.78 8.09
CA PRO A 50 3.73 -1.06 9.36
C PRO A 50 2.43 -0.24 9.40
N ARG A 51 1.62 -0.42 10.44
CA ARG A 51 0.21 0.06 10.44
C ARG A 51 -0.22 0.49 11.85
N VAL A 52 0.62 1.34 12.45
CA VAL A 52 0.33 1.94 13.72
C VAL A 52 -0.88 2.88 13.63
N VAL A 53 -1.72 2.88 14.66
CA VAL A 53 -2.94 3.67 14.64
C VAL A 53 -2.56 5.11 14.29
N GLY A 54 -3.32 5.71 13.37
CA GLY A 54 -3.13 7.09 12.97
C GLY A 54 -2.14 7.29 11.85
N THR A 55 -1.54 6.24 11.33
CA THR A 55 -0.63 6.38 10.20
C THR A 55 -1.39 6.22 8.87
N THR A 56 -0.85 6.78 7.79
CA THR A 56 -1.42 6.51 6.48
C THR A 56 -1.63 5.03 6.22
N ASN A 57 -0.65 4.20 6.60
CA ASN A 57 -0.73 2.77 6.38
C ASN A 57 -1.89 2.11 7.14
N HIS A 58 -2.10 2.55 8.37
CA HIS A 58 -3.24 2.15 9.16
C HIS A 58 -4.54 2.37 8.42
N SER A 59 -4.71 3.57 7.80
CA SER A 59 -5.90 3.85 6.97
C SER A 59 -6.00 2.97 5.71
N ILE A 60 -4.90 2.78 5.02
CA ILE A 60 -4.85 1.93 3.84
C ILE A 60 -5.28 0.49 4.18
N VAL A 61 -4.81 -0.04 5.31
CA VAL A 61 -5.17 -1.40 5.69
C VAL A 61 -6.66 -1.49 6.01
N ARG A 62 -7.18 -0.52 6.77
CA ARG A 62 -8.64 -0.44 6.99
C ARG A 62 -9.39 -0.42 5.67
N GLU A 63 -8.96 0.43 4.75
CA GLU A 63 -9.63 0.53 3.44
C GLU A 63 -9.64 -0.77 2.66
N TYR A 64 -8.51 -1.47 2.70
CA TYR A 64 -8.40 -2.75 2.03
C TYR A 64 -9.38 -3.77 2.60
N ILE A 65 -9.39 -3.92 3.92
CA ILE A 65 -10.38 -4.76 4.60
C ILE A 65 -11.80 -4.35 4.20
N VAL A 66 -12.10 -3.08 4.37
CA VAL A 66 -13.44 -2.56 4.09
C VAL A 66 -13.88 -2.82 2.64
N GLN A 67 -13.04 -2.45 1.69
CA GLN A 67 -13.40 -2.60 0.28
C GLN A 67 -13.45 -4.06 -0.15
N SER A 68 -12.60 -4.89 0.46
CA SER A 68 -12.56 -6.30 0.08
C SER A 68 -13.90 -6.95 0.40
N LEU A 69 -14.42 -6.66 1.58
CA LEU A 69 -15.68 -7.25 2.05
C LEU A 69 -16.92 -6.60 1.42
N ARG A 70 -16.90 -5.28 1.26
CA ARG A 70 -17.98 -4.60 0.55
C ARG A 70 -18.12 -5.18 -0.84
N ASP A 71 -17.01 -5.30 -1.58
CA ASP A 71 -17.02 -5.97 -2.89
C ASP A 71 -17.56 -7.43 -2.84
N LEU A 72 -17.50 -8.08 -1.67
CA LEU A 72 -18.11 -9.42 -1.54
C LEU A 72 -19.56 -9.34 -1.05
N ASP A 73 -20.12 -8.13 -1.05
CA ASP A 73 -21.52 -7.86 -0.71
C ASP A 73 -21.79 -8.03 0.77
N TRP A 74 -20.77 -7.77 1.60
CA TRP A 74 -20.95 -7.68 3.04
C TRP A 74 -21.32 -6.26 3.40
N ASP A 75 -22.09 -6.10 4.47
CA ASP A 75 -22.32 -4.80 5.08
C ASP A 75 -21.15 -4.54 6.02
N VAL A 76 -20.56 -3.36 5.91
CA VAL A 76 -19.38 -2.96 6.70
C VAL A 76 -19.60 -1.60 7.40
N GLU A 77 -19.67 -1.64 8.71
CA GLU A 77 -19.64 -0.43 9.53
C GLU A 77 -18.21 -0.18 10.03
N VAL A 78 -17.76 1.08 9.99
CA VAL A 78 -16.52 1.48 10.65
C VAL A 78 -16.91 2.22 11.94
N ASN A 79 -16.52 1.68 13.10
CA ASN A 79 -16.77 2.29 14.43
C ASN A 79 -15.60 3.18 14.81
N SER A 80 -15.72 4.47 14.50
CA SER A 80 -14.66 5.46 14.74
C SER A 80 -14.85 6.17 16.06
N PHE A 81 -13.75 6.31 16.80
CA PHE A 81 -13.74 7.05 18.08
C PHE A 81 -12.34 7.53 18.42
N HIS A 82 -12.27 8.51 19.33
CA HIS A 82 -11.04 9.07 19.85
C HIS A 82 -10.83 8.61 21.27
N ASP A 83 -9.56 8.39 21.62
CA ASP A 83 -9.20 7.97 22.95
C ASP A 83 -7.73 8.35 23.15
N HIS A 84 -7.33 8.63 24.38
CA HIS A 84 -5.96 9.07 24.67
C HIS A 84 -5.06 7.89 25.00
N ALA A 85 -3.93 7.80 24.32
CA ALA A 85 -2.92 6.78 24.59
C ALA A 85 -1.66 7.48 25.10
N PRO A 86 -0.84 6.77 25.89
CA PRO A 86 0.46 7.31 26.33
C PRO A 86 1.38 7.51 25.15
N ILE A 87 2.32 8.45 25.28
CA ILE A 87 3.22 8.81 24.16
C ILE A 87 2.49 9.52 23.02
N LYS A 88 1.62 8.81 22.30
CA LYS A 88 0.92 9.35 21.13
C LYS A 88 -0.10 10.43 21.47
N GLY A 89 -0.75 10.29 22.63
CA GLY A 89 -1.82 11.23 23.00
C GLY A 89 -3.14 10.88 22.33
N LYS A 90 -3.83 11.90 21.80
CA LYS A 90 -5.14 11.72 21.19
C LYS A 90 -5.00 10.95 19.88
N LEU A 91 -5.64 9.79 19.79
CA LEU A 91 -5.60 8.98 18.57
C LEU A 91 -6.99 8.68 18.11
N HIS A 92 -7.12 8.60 16.78
CA HIS A 92 -8.36 8.26 16.13
C HIS A 92 -8.37 6.77 15.75
N PHE A 93 -9.19 6.01 16.46
CA PHE A 93 -9.27 4.55 16.33
C PHE A 93 -10.48 4.19 15.50
N HIS A 94 -10.38 3.09 14.75
CA HIS A 94 -11.44 2.68 13.81
C HIS A 94 -11.67 1.16 13.82
N ASN A 95 -12.68 0.68 14.54
CA ASN A 95 -12.97 -0.77 14.53
C ASN A 95 -13.74 -1.03 13.26
N ILE A 96 -13.57 -2.22 12.66
CA ILE A 96 -14.32 -2.61 11.47
C ILE A 96 -15.29 -3.75 11.69
N ILE A 97 -16.58 -3.50 11.44
CA ILE A 97 -17.62 -4.50 11.68
C ILE A 97 -18.30 -4.90 10.39
N ALA A 98 -17.98 -6.11 9.92
CA ALA A 98 -18.53 -6.65 8.70
C ALA A 98 -19.54 -7.76 9.01
N THR A 99 -20.72 -7.64 8.42
CA THR A 99 -21.74 -8.67 8.56
C THR A 99 -22.27 -9.04 7.18
N LEU A 100 -22.60 -10.32 7.01
CA LEU A 100 -23.31 -10.79 5.82
C LEU A 100 -24.77 -10.41 5.88
N ASN A 101 -25.40 -10.57 7.05
CA ASN A 101 -26.74 -10.03 7.32
C ASN A 101 -26.70 -8.98 8.43
N PRO A 102 -26.86 -7.70 8.07
CA PRO A 102 -26.82 -6.68 9.10
C PRO A 102 -28.07 -6.65 9.96
N ASN A 103 -29.12 -7.34 9.54
CA ASN A 103 -30.36 -7.46 10.28
C ASN A 103 -30.57 -8.88 10.81
N ALA A 104 -29.49 -9.57 11.14
CA ALA A 104 -29.59 -10.90 11.73
C ALA A 104 -29.86 -10.74 13.22
N GLU A 105 -30.49 -11.75 13.81
CA GLU A 105 -30.72 -11.75 15.24
C GLU A 105 -29.49 -12.18 16.03
N ARG A 106 -28.74 -13.14 15.47
CA ARG A 106 -27.56 -13.71 16.13
C ARG A 106 -26.36 -13.86 15.18
N TYR A 107 -25.17 -13.89 15.77
CA TYR A 107 -23.93 -13.94 15.00
C TYR A 107 -22.90 -14.86 15.60
N LEU A 108 -22.25 -15.62 14.74
CA LEU A 108 -20.94 -16.14 15.03
C LEU A 108 -20.04 -15.00 14.61
N VAL A 109 -19.14 -14.59 15.51
CA VAL A 109 -18.14 -13.56 15.22
C VAL A 109 -16.70 -14.10 15.15
N LEU A 110 -16.04 -13.89 14.02
CA LEU A 110 -14.64 -14.19 13.86
C LEU A 110 -13.95 -12.87 13.82
N SER A 111 -12.84 -12.78 14.56
CA SER A 111 -12.19 -11.51 14.78
C SER A 111 -10.67 -11.62 14.82
N ALA A 112 -10.04 -10.49 14.59
CA ALA A 112 -8.58 -10.35 14.70
C ALA A 112 -8.31 -8.85 14.80
N HIS A 113 -7.14 -8.44 15.30
CA HIS A 113 -6.81 -7.01 15.36
C HIS A 113 -5.95 -6.62 14.15
N TYR A 114 -6.19 -5.42 13.62
CA TYR A 114 -5.53 -5.01 12.38
C TYR A 114 -4.38 -4.02 12.53
N ASP A 115 -4.28 -3.38 13.70
CA ASP A 115 -3.18 -2.47 14.02
C ASP A 115 -1.90 -3.26 14.20
N SER A 116 -0.76 -2.59 14.07
CA SER A 116 0.49 -3.21 14.46
C SER A 116 1.10 -2.37 15.59
N LYS A 117 1.87 -3.06 16.42
CA LYS A 117 2.47 -2.50 17.64
C LYS A 117 3.43 -1.37 17.30
N TYR A 118 3.32 -0.28 18.03
CA TYR A 118 4.22 0.85 17.86
C TYR A 118 5.56 0.48 18.49
N MET A 119 6.60 0.41 17.67
CA MET A 119 7.96 0.06 18.11
C MET A 119 8.92 1.06 17.47
N PRO A 120 9.15 2.18 18.13
CA PRO A 120 10.03 3.22 17.61
C PRO A 120 11.28 2.69 16.90
N GLY A 121 11.54 3.20 15.70
CA GLY A 121 12.74 2.90 14.96
C GLY A 121 12.78 1.53 14.34
N VAL A 122 11.72 0.76 14.54
CA VAL A 122 11.63 -0.61 14.08
C VAL A 122 10.33 -0.65 13.29
N GLU A 123 10.40 -1.12 12.07
CA GLU A 123 9.21 -1.22 11.26
C GLU A 123 8.62 -2.60 11.51
N PHE A 124 7.96 -2.72 12.66
CA PHE A 124 7.36 -3.96 13.10
C PHE A 124 6.17 -4.28 12.20
N LEU A 125 6.20 -5.45 11.59
CA LEU A 125 5.15 -5.87 10.65
C LEU A 125 4.05 -6.69 11.34
N GLY A 126 4.37 -7.32 12.47
CA GLY A 126 3.40 -8.17 13.17
C GLY A 126 2.75 -9.13 12.22
N ALA A 127 3.55 -9.98 11.61
CA ALA A 127 3.06 -10.93 10.62
C ALA A 127 2.05 -11.89 11.22
N THR A 128 2.41 -12.52 12.33
CA THR A 128 1.51 -13.41 13.08
C THR A 128 0.51 -12.61 13.92
N ASP A 129 0.85 -11.34 14.11
CA ASP A 129 0.27 -10.48 15.14
C ASP A 129 -0.17 -9.10 14.61
N SER A 130 -1.25 -9.01 13.86
CA SER A 130 -2.06 -10.14 13.39
C SER A 130 -2.38 -10.00 11.92
N ALA A 131 -1.34 -9.83 11.11
CA ALA A 131 -1.48 -9.71 9.64
C ALA A 131 -2.09 -10.95 9.04
N VAL A 132 -1.57 -12.11 9.45
CA VAL A 132 -2.03 -13.40 8.94
C VAL A 132 -3.45 -13.69 9.44
N PRO A 133 -3.73 -13.46 10.73
CA PRO A 133 -5.13 -13.69 11.13
C PRO A 133 -6.17 -12.85 10.36
N ALA A 134 -5.93 -11.56 10.17
CA ALA A 134 -6.86 -10.74 9.37
C ALA A 134 -7.03 -11.28 7.96
N ALA A 135 -5.89 -11.58 7.31
CA ALA A 135 -5.89 -12.16 6.00
C ALA A 135 -6.72 -13.45 5.95
N MET A 136 -6.59 -14.33 6.95
CA MET A 136 -7.37 -15.55 6.94
C MET A 136 -8.87 -15.24 6.86
N LEU A 137 -9.29 -14.16 7.52
CA LEU A 137 -10.72 -13.77 7.54
C LEU A 137 -11.20 -13.21 6.21
N LEU A 138 -10.42 -12.31 5.60
CA LEU A 138 -10.71 -11.89 4.23
C LEU A 138 -10.74 -13.08 3.26
N ASN A 139 -9.75 -13.96 3.39
CA ASN A 139 -9.65 -15.15 2.56
C ASN A 139 -10.86 -16.08 2.76
N LEU A 140 -11.32 -16.22 3.99
CA LEU A 140 -12.51 -17.02 4.31
C LEU A 140 -13.76 -16.55 3.57
N ALA A 141 -13.99 -15.22 3.57
CA ALA A 141 -15.14 -14.62 2.86
C ALA A 141 -14.99 -14.75 1.35
N GLN A 142 -13.75 -14.66 0.88
CA GLN A 142 -13.44 -14.82 -0.55
C GLN A 142 -13.61 -16.26 -1.02
N VAL A 143 -13.06 -17.20 -0.27
CA VAL A 143 -13.14 -18.61 -0.65
C VAL A 143 -14.56 -19.10 -0.60
N LEU A 144 -15.26 -18.76 0.48
CA LEU A 144 -16.56 -19.34 0.75
C LEU A 144 -17.72 -18.47 0.27
N GLN A 145 -17.47 -17.51 -0.63
CA GLN A 145 -18.51 -16.62 -1.18
C GLN A 145 -19.86 -17.28 -1.45
N GLU A 146 -19.80 -18.41 -2.16
CA GLU A 146 -21.03 -19.06 -2.61
C GLU A 146 -21.77 -19.67 -1.46
N GLN A 147 -21.03 -20.34 -0.58
CA GLN A 147 -21.60 -21.14 0.50
C GLN A 147 -22.16 -20.27 1.63
N LEU A 148 -21.69 -19.02 1.69
CA LEU A 148 -22.14 -18.08 2.71
C LEU A 148 -23.33 -17.21 2.28
N LYS A 149 -23.66 -17.21 1.00
CA LYS A 149 -24.81 -16.40 0.52
C LYS A 149 -26.10 -16.53 1.39
N PRO A 150 -26.50 -17.77 1.75
CA PRO A 150 -27.69 -17.94 2.60
C PRO A 150 -27.69 -17.09 3.88
N LEU A 151 -26.50 -16.85 4.41
CA LEU A 151 -26.34 -16.09 5.66
C LEU A 151 -26.61 -14.61 5.51
N LYS A 152 -26.82 -14.12 4.29
CA LYS A 152 -27.24 -12.73 4.06
C LYS A 152 -28.67 -12.46 4.50
N LYS A 153 -29.48 -13.52 4.56
CA LYS A 153 -30.89 -13.39 4.85
C LYS A 153 -31.30 -14.08 6.16
N SER A 154 -30.44 -14.94 6.70
CA SER A 154 -30.80 -15.76 7.85
C SER A 154 -30.66 -15.09 9.22
N LYS A 155 -31.34 -15.66 10.20
CA LYS A 155 -31.42 -15.13 11.57
C LYS A 155 -30.09 -15.27 12.28
N LEU A 156 -29.46 -16.44 12.13
CA LEU A 156 -28.06 -16.63 12.49
C LEU A 156 -27.15 -16.31 11.29
N SER A 157 -26.26 -15.35 11.49
CA SER A 157 -25.34 -14.93 10.44
C SER A 157 -23.89 -14.83 10.92
N LEU A 158 -23.02 -14.37 10.04
CA LEU A 158 -21.61 -14.30 10.26
C LEU A 158 -21.17 -12.81 10.31
N MET A 159 -20.29 -12.50 11.26
CA MET A 159 -19.65 -11.20 11.43
C MET A 159 -18.15 -11.42 11.48
N LEU A 160 -17.43 -10.67 10.67
CA LEU A 160 -15.99 -10.54 10.74
C LEU A 160 -15.71 -9.22 11.42
N LEU A 161 -15.03 -9.29 12.56
CA LEU A 161 -14.80 -8.10 13.39
C LEU A 161 -13.29 -7.83 13.43
N PHE A 162 -12.88 -6.65 12.96
CA PHE A 162 -11.46 -6.33 12.97
C PHE A 162 -11.23 -5.24 14.00
N PHE A 163 -10.61 -5.64 15.10
CA PHE A 163 -10.34 -4.75 16.20
C PHE A 163 -9.17 -3.83 15.89
N ASP A 164 -9.28 -2.60 16.36
CA ASP A 164 -8.22 -1.62 16.28
C ASP A 164 -7.66 -1.36 17.65
N GLY A 165 -6.40 -0.93 17.69
CA GLY A 165 -5.72 -0.58 18.89
C GLY A 165 -5.54 -1.71 19.91
N GLU A 166 -5.28 -2.93 19.45
CA GLU A 166 -5.11 -4.03 20.38
C GLU A 166 -3.83 -3.83 21.17
N GLU A 167 -2.80 -3.27 20.52
CA GLU A 167 -1.46 -3.21 21.08
C GLU A 167 -1.26 -1.99 21.93
N ALA A 168 -0.39 -2.16 22.92
CA ALA A 168 -0.01 -1.07 23.79
C ALA A 168 0.86 -0.09 23.02
N PHE A 169 0.83 1.16 23.47
CA PHE A 169 1.68 2.22 22.94
C PHE A 169 2.87 2.47 23.84
N GLU A 170 2.73 2.20 25.14
CA GLU A 170 3.84 2.41 26.10
C GLU A 170 4.17 1.09 26.82
N GLU A 171 3.26 0.61 27.66
CA GLU A 171 3.46 -0.68 28.34
C GLU A 171 2.11 -1.35 28.52
N TRP A 172 2.04 -2.64 28.20
CA TRP A 172 0.76 -3.34 28.20
C TRP A 172 0.13 -3.33 29.58
N GLY A 173 -1.00 -2.65 29.70
CA GLY A 173 -1.77 -2.65 30.93
C GLY A 173 -3.24 -2.50 30.60
N PRO A 174 -4.10 -2.54 31.63
CA PRO A 174 -5.56 -2.42 31.41
C PRO A 174 -5.97 -1.09 30.75
N LYS A 175 -5.16 -0.04 30.89
CA LYS A 175 -5.51 1.24 30.26
C LYS A 175 -4.67 1.52 29.02
N ASP A 176 -3.72 0.64 28.73
CA ASP A 176 -2.85 0.80 27.56
C ASP A 176 -2.75 -0.51 26.81
N SER A 177 -3.91 -0.91 26.30
CA SER A 177 -4.07 -2.02 25.40
C SER A 177 -5.55 -2.09 25.00
N ILE A 178 -5.82 -2.90 23.98
CA ILE A 178 -7.15 -3.27 23.54
C ILE A 178 -8.10 -2.07 23.51
N TYR A 179 -7.63 -0.99 22.87
CA TYR A 179 -8.37 0.28 22.90
C TYR A 179 -9.72 0.15 22.20
N GLY A 180 -9.70 -0.51 21.04
CA GLY A 180 -10.90 -0.66 20.23
C GLY A 180 -11.89 -1.60 20.85
N ALA A 181 -11.41 -2.73 21.36
CA ALA A 181 -12.29 -3.72 22.00
C ALA A 181 -12.97 -3.17 23.27
N ARG A 182 -12.21 -2.40 24.05
CA ARG A 182 -12.73 -1.77 25.26
C ARG A 182 -13.86 -0.78 24.95
N HIS A 183 -13.65 0.07 23.95
CA HIS A 183 -14.68 0.97 23.44
C HIS A 183 -15.91 0.25 22.85
N LEU A 184 -15.66 -0.77 22.03
CA LEU A 184 -16.77 -1.46 21.36
C LEU A 184 -17.60 -2.30 22.33
N ALA A 185 -16.95 -3.04 23.23
CA ALA A 185 -17.70 -3.87 24.20
C ALA A 185 -18.57 -2.98 25.06
N LYS A 186 -18.04 -1.82 25.43
CA LYS A 186 -18.77 -0.80 26.20
C LYS A 186 -19.96 -0.28 25.41
N LYS A 187 -19.72 0.07 24.14
CA LYS A 187 -20.76 0.60 23.27
C LYS A 187 -21.88 -0.41 23.07
N TRP A 188 -21.53 -1.65 22.72
CA TRP A 188 -22.50 -2.71 22.53
C TRP A 188 -23.20 -3.06 23.84
N HIS A 189 -22.48 -3.07 24.94
CA HIS A 189 -23.11 -3.26 26.26
C HIS A 189 -24.30 -2.33 26.43
N HIS A 190 -24.04 -1.03 26.23
CA HIS A 190 -25.03 0.02 26.35
C HIS A 190 -26.17 -0.15 25.35
N GLU A 191 -25.86 -0.46 24.11
CA GLU A 191 -26.86 -0.63 23.08
C GLU A 191 -27.55 -2.02 23.10
N GLY A 192 -27.21 -2.86 24.07
CA GLY A 192 -27.80 -4.20 24.13
C GLY A 192 -27.45 -5.02 22.89
N LYS A 193 -26.18 -5.01 22.50
CA LYS A 193 -25.75 -5.69 21.28
C LYS A 193 -24.66 -6.74 21.55
N LEU A 194 -24.60 -7.25 22.78
CA LEU A 194 -23.65 -8.27 23.16
C LEU A 194 -24.28 -9.66 23.26
N ASP A 195 -25.52 -9.71 23.78
CA ASP A 195 -26.23 -11.00 23.86
C ASP A 195 -26.36 -11.69 22.51
N ARG A 196 -26.46 -10.92 21.44
CA ARG A 196 -26.52 -11.44 20.05
C ARG A 196 -25.28 -12.21 19.57
N ILE A 197 -24.16 -12.09 20.29
CA ILE A 197 -22.94 -12.83 19.97
C ILE A 197 -23.07 -14.27 20.51
N ASP A 198 -23.23 -15.23 19.61
CA ASP A 198 -23.19 -16.64 20.02
C ASP A 198 -21.83 -16.87 20.71
N MET A 199 -20.77 -16.61 19.97
CA MET A 199 -19.46 -16.46 20.61
C MET A 199 -18.57 -15.61 19.76
N LEU A 200 -17.58 -15.05 20.45
CA LEU A 200 -16.56 -14.25 19.82
C LEU A 200 -15.35 -15.13 19.71
N VAL A 201 -15.04 -15.48 18.47
CA VAL A 201 -13.86 -16.21 18.11
C VAL A 201 -12.77 -15.21 17.74
N LEU A 202 -11.68 -15.26 18.50
CA LEU A 202 -10.56 -14.37 18.33
C LEU A 202 -9.31 -15.12 17.90
N LEU A 203 -8.83 -14.77 16.71
CA LEU A 203 -7.64 -15.33 16.12
C LEU A 203 -6.51 -14.37 16.44
N ASP A 204 -5.42 -14.91 16.96
CA ASP A 204 -4.25 -14.12 17.25
C ASP A 204 -2.97 -15.00 17.23
N LEU A 205 -1.87 -14.38 16.83
CA LEU A 205 -0.58 -15.02 16.75
C LEU A 205 -0.58 -16.30 15.89
N LEU A 206 -1.15 -16.22 14.69
CA LEU A 206 -1.16 -17.37 13.79
C LEU A 206 -0.29 -17.10 12.55
N GLY A 207 0.25 -18.16 11.97
CA GLY A 207 1.12 -18.08 10.78
C GLY A 207 2.50 -18.68 11.00
N ALA A 208 2.94 -18.77 12.24
CA ALA A 208 4.22 -19.40 12.55
C ALA A 208 4.06 -20.91 12.71
N PRO A 209 5.18 -21.65 12.65
CA PRO A 209 5.07 -23.11 12.70
C PRO A 209 4.85 -23.66 14.10
N ASP A 210 4.45 -24.94 14.12
CA ASP A 210 4.05 -25.71 15.31
C ASP A 210 3.26 -24.97 16.40
N PRO A 211 2.10 -24.37 16.01
CA PRO A 211 1.15 -23.87 17.00
C PRO A 211 0.47 -25.02 17.76
N ALA A 212 0.31 -24.81 19.07
CA ALA A 212 -0.44 -25.68 19.96
C ALA A 212 -1.60 -24.88 20.57
N PHE A 213 -2.82 -25.35 20.32
CA PHE A 213 -4.02 -24.74 20.90
C PHE A 213 -4.58 -25.57 22.05
N TYR A 214 -5.26 -24.87 22.96
CA TYR A 214 -5.94 -25.46 24.11
C TYR A 214 -7.25 -24.71 24.32
N SER A 215 -8.26 -25.39 24.86
CA SER A 215 -9.50 -24.69 25.21
C SER A 215 -9.34 -23.86 26.47
N PHE A 216 -9.67 -22.58 26.39
CA PHE A 216 -9.55 -21.70 27.53
C PHE A 216 -10.82 -21.53 28.35
N PHE A 217 -11.98 -21.74 27.73
CA PHE A 217 -13.22 -21.42 28.42
C PHE A 217 -14.20 -22.57 28.33
N GLU A 218 -14.68 -23.01 29.50
CA GLU A 218 -15.56 -24.17 29.58
C GLU A 218 -16.92 -24.00 28.90
N ASN A 219 -17.45 -22.77 28.81
CA ASN A 219 -18.72 -22.59 28.11
C ASN A 219 -18.59 -22.70 26.58
N THR A 220 -17.37 -22.63 26.07
CA THR A 220 -17.14 -22.82 24.64
C THR A 220 -16.26 -24.06 24.37
N GLU A 221 -15.89 -24.79 25.41
CA GLU A 221 -15.06 -25.99 25.26
C GLU A 221 -15.62 -26.96 24.22
N SER A 222 -16.94 -27.03 24.15
CA SER A 222 -17.63 -27.90 23.22
C SER A 222 -17.39 -27.50 21.76
N TRP A 223 -17.42 -26.20 21.49
CA TRP A 223 -17.15 -25.72 20.14
C TRP A 223 -15.66 -25.73 19.79
N TYR A 224 -14.79 -25.62 20.78
CA TYR A 224 -13.37 -25.90 20.60
C TYR A 224 -13.20 -27.33 20.10
N MET A 225 -13.94 -28.28 20.70
CA MET A 225 -13.83 -29.68 20.33
C MET A 225 -14.42 -29.94 18.95
N ARG A 226 -15.25 -29.04 18.45
CA ARG A 226 -15.67 -29.11 17.05
C ARG A 226 -14.54 -28.75 16.11
N ILE A 227 -13.69 -27.79 16.51
CA ILE A 227 -12.52 -27.47 15.68
C ILE A 227 -11.53 -28.61 15.72
N GLN A 228 -11.28 -29.12 16.92
CA GLN A 228 -10.42 -30.29 17.10
C GLN A 228 -10.86 -31.45 16.18
N SER A 229 -12.18 -31.67 16.07
CA SER A 229 -12.74 -32.74 15.26
C SER A 229 -12.60 -32.43 13.74
N VAL A 230 -12.81 -31.16 13.37
CA VAL A 230 -12.53 -30.71 12.00
C VAL A 230 -11.10 -31.06 11.62
N GLU A 231 -10.11 -30.75 12.48
CA GLU A 231 -8.70 -31.03 12.20
C GLU A 231 -8.42 -32.55 12.05
N THR A 232 -8.93 -33.34 12.99
CA THR A 232 -8.87 -34.79 12.90
C THR A 232 -9.44 -35.32 11.56
N ARG A 233 -10.64 -34.87 11.23
CA ARG A 233 -11.32 -35.35 10.04
C ARG A 233 -10.53 -35.00 8.78
N LEU A 234 -10.02 -33.78 8.72
CA LEU A 234 -9.12 -33.38 7.62
C LEU A 234 -7.82 -34.20 7.53
N ALA A 235 -7.24 -34.55 8.68
CA ALA A 235 -6.03 -35.34 8.68
C ALA A 235 -6.32 -36.70 8.04
N LYS A 236 -7.42 -37.32 8.48
CA LYS A 236 -7.87 -38.62 7.99
C LYS A 236 -8.16 -38.61 6.49
N LEU A 237 -8.56 -37.47 5.94
CA LEU A 237 -8.89 -37.36 4.50
C LEU A 237 -7.73 -36.88 3.62
N GLN A 238 -6.53 -36.71 4.18
CA GLN A 238 -5.34 -36.25 3.46
C GLN A 238 -5.45 -34.81 2.93
N LEU A 239 -6.27 -33.98 3.59
CA LEU A 239 -6.53 -32.61 3.15
C LEU A 239 -5.67 -31.53 3.84
N LEU A 240 -4.73 -31.97 4.69
CA LEU A 240 -3.80 -31.07 5.31
C LEU A 240 -2.43 -31.25 4.68
N GLU A 241 -1.77 -30.13 4.41
CA GLU A 241 -0.46 -30.12 3.78
C GLU A 241 0.66 -30.12 4.82
N ARG A 255 -0.19 -32.53 15.82
CA ARG A 255 -1.40 -31.79 15.44
C ARG A 255 -1.53 -30.50 16.22
N TYR A 256 -2.36 -29.58 15.75
CA TYR A 256 -2.43 -28.24 16.37
C TYR A 256 -3.32 -28.19 17.61
N PHE A 257 -4.55 -28.69 17.48
CA PHE A 257 -5.56 -28.66 18.56
C PHE A 257 -5.49 -29.84 19.51
N GLN A 258 -5.05 -29.53 20.73
CA GLN A 258 -4.95 -30.49 21.79
C GLN A 258 -6.34 -30.64 22.43
N SER A 259 -6.63 -31.85 22.90
CA SER A 259 -7.85 -32.19 23.61
C SER A 259 -7.63 -31.96 25.10
N GLN A 260 -7.16 -30.77 25.43
CA GLN A 260 -6.85 -30.38 26.78
C GLN A 260 -7.28 -28.91 26.94
N ALA A 261 -7.68 -28.55 28.15
CA ALA A 261 -8.02 -27.17 28.49
C ALA A 261 -6.97 -26.59 29.43
N MET A 262 -6.91 -25.27 29.43
CA MET A 262 -5.90 -24.55 30.14
C MET A 262 -6.61 -23.56 31.06
N ARG A 263 -6.43 -23.72 32.36
CA ARG A 263 -7.10 -22.85 33.32
C ARG A 263 -6.15 -21.85 33.95
N SER A 264 -6.71 -20.74 34.42
CA SER A 264 -5.93 -19.69 35.07
C SER A 264 -4.74 -19.28 34.22
N SER A 265 -4.97 -19.16 32.92
CA SER A 265 -3.97 -18.65 31.99
C SER A 265 -4.11 -17.14 31.86
N PHE A 266 -5.33 -16.64 32.03
CA PHE A 266 -5.62 -15.19 32.03
C PHE A 266 -4.84 -14.41 30.97
N ILE A 267 -4.77 -14.96 29.76
CA ILE A 267 -4.14 -14.28 28.65
C ILE A 267 -5.03 -13.11 28.28
N GLU A 268 -4.44 -11.93 28.22
CA GLU A 268 -5.19 -10.70 27.92
C GLU A 268 -5.12 -10.42 26.41
N ASP A 269 -6.25 -10.02 25.84
CA ASP A 269 -6.38 -9.77 24.41
C ASP A 269 -7.73 -9.08 24.17
N ASP A 270 -8.10 -8.92 22.90
CA ASP A 270 -9.31 -8.17 22.52
C ASP A 270 -10.62 -8.73 23.12
N HIS A 271 -10.66 -10.03 23.42
CA HIS A 271 -11.83 -10.67 24.06
C HIS A 271 -12.16 -10.19 25.49
N ILE A 272 -11.18 -9.71 26.25
CA ILE A 272 -11.35 -9.45 27.70
C ILE A 272 -12.60 -8.65 28.08
N PRO A 273 -12.79 -7.45 27.50
CA PRO A 273 -13.99 -6.64 27.74
C PRO A 273 -15.32 -7.30 27.32
N PHE A 274 -15.29 -8.23 26.39
CA PHE A 274 -16.48 -9.03 26.08
C PHE A 274 -16.64 -10.18 27.09
N LEU A 275 -15.52 -10.84 27.42
CA LEU A 275 -15.49 -11.96 28.41
C LEU A 275 -16.03 -11.50 29.78
N ARG A 276 -15.51 -10.37 30.25
CA ARG A 276 -15.99 -9.67 31.43
C ARG A 276 -17.52 -9.53 31.48
N ARG A 277 -18.12 -9.28 30.33
CA ARG A 277 -19.54 -9.12 30.19
C ARG A 277 -20.27 -10.37 29.69
N ASN A 278 -19.68 -11.54 29.96
CA ASN A 278 -20.25 -12.87 29.69
C ASN A 278 -20.65 -13.17 28.24
N VAL A 279 -19.89 -12.61 27.30
CA VAL A 279 -19.87 -13.06 25.94
C VAL A 279 -18.94 -14.27 25.88
N PRO A 280 -19.44 -15.40 25.37
CA PRO A 280 -18.59 -16.59 25.25
C PRO A 280 -17.46 -16.38 24.28
N ILE A 281 -16.25 -16.75 24.68
CA ILE A 281 -15.05 -16.54 23.89
C ILE A 281 -14.49 -17.87 23.43
N LEU A 282 -14.08 -17.94 22.16
CA LEU A 282 -13.21 -18.99 21.71
C LEU A 282 -11.89 -18.30 21.26
N HIS A 283 -10.84 -18.48 22.04
CA HIS A 283 -9.58 -17.78 21.82
C HIS A 283 -8.58 -18.66 21.08
N LEU A 284 -8.46 -18.42 19.78
CA LEU A 284 -7.56 -19.18 18.90
C LEU A 284 -6.18 -18.50 18.85
N ILE A 285 -5.42 -18.78 19.91
CA ILE A 285 -4.11 -18.21 20.11
C ILE A 285 -3.22 -19.31 20.66
N PRO A 286 -2.02 -19.50 20.06
CA PRO A 286 -1.19 -20.63 20.51
C PRO A 286 -0.49 -20.37 21.85
N VAL A 287 -0.20 -21.45 22.58
CA VAL A 287 0.57 -21.43 23.80
C VAL A 287 1.57 -22.58 23.70
N PRO A 288 2.90 -22.29 23.66
CA PRO A 288 3.48 -20.96 23.71
C PRO A 288 3.20 -20.08 22.49
N PHE A 289 3.29 -18.77 22.69
CA PHE A 289 3.25 -17.78 21.62
C PHE A 289 4.47 -18.05 20.76
N PRO A 290 4.39 -17.67 19.49
CA PRO A 290 5.55 -17.76 18.59
C PRO A 290 6.83 -17.18 19.21
N SER A 291 7.99 -17.80 18.94
CA SER A 291 9.27 -17.35 19.51
C SER A 291 9.59 -15.93 19.11
N VAL A 292 9.12 -15.52 17.94
CA VAL A 292 9.37 -14.18 17.42
C VAL A 292 8.43 -13.11 17.94
N TRP A 293 7.48 -13.48 18.80
CA TRP A 293 6.51 -12.53 19.37
C TRP A 293 7.12 -11.18 19.78
N HIS A 294 6.54 -10.08 19.29
CA HIS A 294 7.00 -8.71 19.57
C HIS A 294 8.49 -8.46 19.31
N THR A 295 9.05 -9.17 18.35
CA THR A 295 10.38 -8.90 17.83
C THR A 295 10.23 -8.57 16.34
N PRO A 296 11.24 -7.92 15.74
CA PRO A 296 11.28 -7.66 14.29
C PRO A 296 11.23 -8.91 13.43
N ASP A 297 11.45 -10.07 14.03
CA ASP A 297 11.46 -11.31 13.27
C ASP A 297 10.04 -11.83 12.99
N ASP A 298 9.04 -11.23 13.63
CA ASP A 298 7.64 -11.50 13.28
C ASP A 298 7.31 -10.77 11.97
N ASN A 299 7.84 -11.30 10.87
CA ASN A 299 7.81 -10.60 9.60
C ASN A 299 7.47 -11.59 8.50
N ALA A 300 7.60 -11.17 7.25
CA ALA A 300 7.34 -12.03 6.10
C ALA A 300 8.03 -13.41 6.20
N SER A 301 9.27 -13.43 6.69
CA SER A 301 10.07 -14.66 6.66
C SER A 301 9.63 -15.70 7.71
N VAL A 302 8.89 -15.29 8.74
CA VAL A 302 8.49 -16.25 9.77
C VAL A 302 7.26 -17.06 9.33
N ILE A 303 6.52 -16.57 8.33
CA ILE A 303 5.27 -17.21 7.96
C ILE A 303 5.50 -18.60 7.38
N ASP A 304 4.90 -19.59 8.02
CA ASP A 304 4.92 -20.95 7.48
C ASP A 304 3.64 -21.20 6.71
N TYR A 305 3.77 -21.28 5.38
CA TYR A 305 2.58 -21.29 4.53
C TYR A 305 1.85 -22.63 4.47
N ALA A 306 2.51 -23.74 4.80
CA ALA A 306 1.78 -25.01 5.03
C ALA A 306 0.89 -24.85 6.26
N THR A 307 1.45 -24.29 7.32
CA THR A 307 0.71 -24.14 8.58
C THR A 307 -0.43 -23.15 8.39
N THR A 308 -0.13 -22.06 7.68
CA THR A 308 -1.10 -21.00 7.44
C THR A 308 -2.26 -21.49 6.61
N ASP A 309 -1.98 -22.27 5.55
CA ASP A 309 -3.02 -22.84 4.69
C ASP A 309 -3.89 -23.82 5.47
N ASN A 310 -3.25 -24.68 6.24
CA ASN A 310 -3.96 -25.67 7.06
C ASN A 310 -4.89 -25.03 8.08
N LEU A 311 -4.37 -24.06 8.84
CA LEU A 311 -5.17 -23.31 9.84
C LEU A 311 -6.33 -22.58 9.20
N ALA A 312 -6.07 -21.83 8.13
CA ALA A 312 -7.13 -21.14 7.40
C ALA A 312 -8.26 -22.12 7.01
N LEU A 313 -7.88 -23.29 6.54
CA LEU A 313 -8.82 -24.32 6.14
C LEU A 313 -9.62 -24.78 7.36
N ILE A 314 -8.92 -25.17 8.43
CA ILE A 314 -9.62 -25.66 9.63
C ILE A 314 -10.64 -24.60 10.07
N ILE A 315 -10.23 -23.34 10.10
CA ILE A 315 -11.11 -22.24 10.52
C ILE A 315 -12.30 -22.03 9.56
N ARG A 316 -12.05 -22.11 8.25
CA ARG A 316 -13.11 -22.04 7.28
C ARG A 316 -14.11 -23.19 7.50
N LEU A 317 -13.64 -24.41 7.77
CA LEU A 317 -14.57 -25.52 7.99
C LEU A 317 -15.33 -25.42 9.32
N PHE A 318 -14.66 -24.94 10.36
CA PHE A 318 -15.35 -24.67 11.63
C PHE A 318 -16.50 -23.73 11.40
N ALA A 319 -16.22 -22.68 10.64
CA ALA A 319 -17.20 -21.66 10.39
C ALA A 319 -18.42 -22.28 9.73
N LEU A 320 -18.19 -23.06 8.68
CA LEU A 320 -19.27 -23.79 7.98
C LEU A 320 -19.96 -24.84 8.88
N GLU A 321 -19.20 -25.61 9.64
CA GLU A 321 -19.80 -26.50 10.66
C GLU A 321 -20.79 -25.74 11.56
N TYR A 322 -20.37 -24.61 12.10
CA TYR A 322 -21.20 -23.87 13.02
C TYR A 322 -22.43 -23.28 12.35
N LEU A 323 -22.22 -22.70 11.18
CA LEU A 323 -23.24 -21.87 10.56
C LEU A 323 -24.17 -22.66 9.65
N LEU A 324 -23.61 -23.66 8.96
CA LEU A 324 -24.26 -24.35 7.85
C LEU A 324 -24.78 -23.35 6.81
N GLU B 9 15.44 37.21 -13.77
CA GLU B 9 15.10 37.93 -15.01
C GLU B 9 14.35 37.05 -16.00
N LEU B 10 13.21 37.55 -16.46
CA LEU B 10 12.47 36.95 -17.56
C LEU B 10 12.84 37.64 -18.88
N VAL B 11 13.15 36.83 -19.88
CA VAL B 11 13.40 37.30 -21.23
C VAL B 11 12.43 36.64 -22.18
N ASP B 12 11.91 37.38 -23.15
CA ASP B 12 11.06 36.78 -24.16
C ASP B 12 11.95 35.88 -25.02
N ILE B 13 11.42 34.73 -25.40
CA ILE B 13 12.22 33.73 -26.07
C ILE B 13 12.32 34.20 -27.52
N PRO B 14 13.54 34.18 -28.09
CA PRO B 14 13.76 34.66 -29.46
C PRO B 14 13.22 33.71 -30.54
N LYS B 15 12.88 34.27 -31.70
CA LYS B 15 12.32 33.50 -32.83
C LYS B 15 13.13 32.25 -33.18
N ILE B 16 14.46 32.33 -33.03
CA ILE B 16 15.33 31.24 -33.45
C ILE B 16 15.00 29.95 -32.65
N SER B 17 14.43 30.12 -31.48
CA SER B 17 14.11 29.00 -30.63
C SER B 17 12.72 28.42 -30.89
N TYR B 18 11.88 29.13 -31.66
CA TYR B 18 10.52 28.63 -31.92
C TYR B 18 10.60 27.32 -32.66
N ASN B 19 9.68 26.42 -32.33
CA ASN B 19 9.81 25.02 -32.74
C ASN B 19 8.45 24.35 -32.66
N PRO B 20 7.56 24.72 -33.61
CA PRO B 20 6.15 24.44 -33.46
C PRO B 20 5.86 22.97 -33.56
N SER B 21 4.83 22.54 -32.83
CA SER B 21 4.27 21.21 -32.97
C SER B 21 4.24 20.78 -34.42
N GLU B 22 4.72 19.57 -34.66
CA GLU B 22 4.99 19.05 -36.00
C GLU B 22 4.15 17.82 -36.39
N LEU B 23 3.46 17.22 -35.43
CA LEU B 23 2.64 16.06 -35.74
C LEU B 23 1.52 16.49 -36.70
N SER B 24 1.17 15.61 -37.62
CA SER B 24 0.01 15.80 -38.49
C SER B 24 -1.20 16.11 -37.62
N GLU B 25 -2.07 17.00 -38.10
CA GLU B 25 -3.30 17.27 -37.39
C GLU B 25 -4.06 15.99 -37.04
N PRO B 26 -4.11 15.01 -37.98
CA PRO B 26 -4.87 13.80 -37.61
C PRO B 26 -4.27 13.07 -36.42
N ARG B 27 -2.94 12.92 -36.40
CA ARG B 27 -2.24 12.26 -35.30
C ARG B 27 -2.29 13.10 -34.05
N PHE B 28 -2.15 14.40 -34.20
CA PHE B 28 -2.25 15.28 -33.07
C PHE B 28 -3.63 15.15 -32.43
N LEU B 29 -4.71 15.20 -33.22
CA LEU B 29 -6.06 15.01 -32.68
C LEU B 29 -6.19 13.58 -32.09
N GLU B 30 -5.71 12.57 -32.82
CA GLU B 30 -5.84 11.17 -32.35
C GLU B 30 -5.20 11.03 -30.98
N TYR B 31 -3.94 11.45 -30.88
CA TYR B 31 -3.18 11.28 -29.65
C TYR B 31 -3.70 12.15 -28.52
N SER B 32 -4.22 13.34 -28.84
CA SER B 32 -4.71 14.20 -27.80
C SER B 32 -6.02 13.64 -27.17
N ASN B 33 -6.69 12.72 -27.86
CA ASN B 33 -7.86 12.10 -27.30
C ASN B 33 -7.60 10.77 -26.60
N LEU B 34 -6.31 10.44 -26.43
CA LEU B 34 -5.91 9.30 -25.59
C LEU B 34 -5.69 9.78 -24.17
N SER B 35 -6.44 9.19 -23.25
CA SER B 35 -6.29 9.48 -21.83
C SER B 35 -6.83 8.31 -21.06
N ASP B 36 -6.46 8.25 -19.80
CA ASP B 36 -7.01 7.26 -18.87
C ASP B 36 -7.02 7.93 -17.51
N LYS B 37 -8.05 8.72 -17.29
CA LYS B 37 -8.21 9.51 -16.06
C LYS B 37 -8.16 8.61 -14.84
N LEU B 38 -8.93 7.52 -14.90
CA LEU B 38 -9.00 6.54 -13.80
C LEU B 38 -7.65 5.98 -13.43
N HIS B 39 -6.87 5.56 -14.41
CA HIS B 39 -5.50 5.08 -14.14
C HIS B 39 -4.64 6.17 -13.47
N LEU B 40 -4.71 7.39 -13.99
CA LEU B 40 -3.95 8.50 -13.45
C LEU B 40 -4.30 8.66 -11.96
N ARG B 41 -5.58 8.52 -11.62
CA ARG B 41 -6.03 8.67 -10.24
C ARG B 41 -5.59 7.51 -9.37
N GLU B 42 -5.61 6.30 -9.94
CA GLU B 42 -5.18 5.11 -9.22
C GLU B 42 -3.67 5.20 -8.94
N ALA B 43 -2.90 5.68 -9.91
CA ALA B 43 -1.45 5.71 -9.78
C ALA B 43 -1.08 6.76 -8.72
N ILE B 44 -1.76 7.89 -8.76
CA ILE B 44 -1.55 8.89 -7.72
C ILE B 44 -1.83 8.30 -6.33
N ASP B 45 -2.98 7.67 -6.15
CA ASP B 45 -3.35 7.02 -4.88
C ASP B 45 -2.33 5.98 -4.36
N LYS B 46 -1.75 5.23 -5.28
CA LYS B 46 -0.81 4.15 -4.95
C LYS B 46 0.51 4.75 -4.51
N ILE B 47 0.93 5.80 -5.19
CA ILE B 47 2.17 6.48 -4.85
C ILE B 47 2.02 7.49 -3.67
N LEU B 48 0.81 7.96 -3.40
CA LEU B 48 0.61 9.04 -2.41
C LEU B 48 0.54 8.50 -1.01
N ILE B 49 1.71 8.15 -0.51
CA ILE B 49 1.90 7.56 0.79
C ILE B 49 3.27 8.01 1.26
N PRO B 50 3.46 8.09 2.59
CA PRO B 50 4.79 8.47 3.11
C PRO B 50 5.75 7.45 2.59
N ARG B 51 6.86 7.91 2.01
CA ARG B 51 7.76 7.04 1.32
C ARG B 51 9.18 7.54 1.48
N VAL B 52 9.56 7.72 2.74
CA VAL B 52 10.90 8.13 3.10
C VAL B 52 11.84 6.96 2.78
N VAL B 53 13.03 7.28 2.24
CA VAL B 53 14.03 6.27 1.86
C VAL B 53 14.29 5.30 3.01
N GLY B 54 14.30 4.02 2.68
CA GLY B 54 14.59 2.98 3.66
C GLY B 54 13.35 2.37 4.30
N THR B 55 12.20 3.02 4.20
CA THR B 55 10.98 2.52 4.85
C THR B 55 10.26 1.49 3.99
N THR B 56 9.33 0.77 4.62
CA THR B 56 8.57 -0.25 3.92
C THR B 56 7.81 0.37 2.72
N ASN B 57 7.14 1.50 2.95
CA ASN B 57 6.41 2.17 1.88
C ASN B 57 7.28 2.59 0.70
N HIS B 58 8.50 3.01 0.98
CA HIS B 58 9.46 3.32 -0.05
C HIS B 58 9.63 2.14 -1.02
N SER B 59 9.87 0.95 -0.46
CA SER B 59 9.93 -0.31 -1.22
C SER B 59 8.64 -0.64 -1.96
N ILE B 60 7.51 -0.44 -1.31
CA ILE B 60 6.22 -0.70 -1.93
C ILE B 60 6.04 0.23 -3.15
N VAL B 61 6.42 1.50 -3.01
CA VAL B 61 6.23 2.45 -4.12
C VAL B 61 7.16 2.06 -5.29
N ARG B 62 8.43 1.77 -5.00
CA ARG B 62 9.35 1.32 -6.04
C ARG B 62 8.81 0.06 -6.73
N GLU B 63 8.34 -0.92 -5.95
CA GLU B 63 7.73 -2.16 -6.51
C GLU B 63 6.60 -1.82 -7.47
N TYR B 64 5.73 -0.91 -7.05
CA TYR B 64 4.60 -0.53 -7.86
C TYR B 64 5.02 0.05 -9.23
N ILE B 65 5.96 1.00 -9.19
CA ILE B 65 6.50 1.64 -10.40
C ILE B 65 7.14 0.58 -11.30
N VAL B 66 7.95 -0.26 -10.69
CA VAL B 66 8.71 -1.30 -11.38
C VAL B 66 7.78 -2.30 -12.03
N GLN B 67 6.83 -2.83 -11.24
CA GLN B 67 5.86 -3.80 -11.77
C GLN B 67 4.87 -3.19 -12.77
N SER B 68 4.48 -1.94 -12.56
CA SER B 68 3.61 -1.28 -13.51
C SER B 68 4.25 -1.28 -14.89
N LEU B 69 5.52 -0.92 -14.94
CA LEU B 69 6.22 -0.75 -16.19
C LEU B 69 6.64 -2.11 -16.76
N ARG B 70 6.98 -3.07 -15.90
CA ARG B 70 7.27 -4.43 -16.44
C ARG B 70 6.03 -5.06 -17.10
N ASP B 71 4.87 -4.90 -16.46
CA ASP B 71 3.59 -5.39 -17.00
C ASP B 71 3.25 -4.74 -18.33
N LEU B 72 3.79 -3.54 -18.59
CA LEU B 72 3.62 -2.86 -19.88
C LEU B 72 4.78 -3.15 -20.82
N ASP B 73 5.57 -4.15 -20.47
CA ASP B 73 6.65 -4.65 -21.31
C ASP B 73 7.83 -3.68 -21.46
N TRP B 74 8.16 -2.97 -20.38
CA TRP B 74 9.34 -2.15 -20.32
C TRP B 74 10.42 -2.92 -19.61
N ASP B 75 11.65 -2.77 -20.11
CA ASP B 75 12.84 -3.19 -19.37
C ASP B 75 13.03 -2.29 -18.15
N VAL B 76 13.22 -2.91 -16.98
CA VAL B 76 13.39 -2.11 -15.78
C VAL B 76 14.58 -2.57 -15.02
N GLU B 77 15.55 -1.67 -14.91
CA GLU B 77 16.77 -1.85 -14.16
C GLU B 77 16.62 -0.99 -12.90
N VAL B 78 17.04 -1.54 -11.77
CA VAL B 78 17.11 -0.78 -10.53
C VAL B 78 18.57 -0.59 -10.12
N ASN B 79 18.95 0.68 -9.96
CA ASN B 79 20.29 1.12 -9.55
C ASN B 79 20.31 1.35 -8.06
N SER B 80 20.81 0.36 -7.32
CA SER B 80 20.84 0.36 -5.84
C SER B 80 22.23 0.70 -5.32
N PHE B 81 22.30 1.53 -4.29
CA PHE B 81 23.58 1.89 -3.72
C PHE B 81 23.39 2.36 -2.31
N HIS B 82 24.48 2.48 -1.55
CA HIS B 82 24.40 3.06 -0.21
C HIS B 82 25.09 4.42 -0.15
N ASP B 83 24.50 5.32 0.62
CA ASP B 83 25.12 6.60 0.88
C ASP B 83 24.73 6.99 2.30
N HIS B 84 25.45 7.97 2.82
CA HIS B 84 25.26 8.43 4.19
C HIS B 84 24.55 9.77 4.21
N ALA B 85 23.46 9.83 4.95
CA ALA B 85 22.66 11.02 5.07
C ALA B 85 22.77 11.53 6.50
N PRO B 86 22.64 12.85 6.69
CA PRO B 86 22.37 13.28 8.04
C PRO B 86 21.07 12.67 8.58
N ILE B 87 21.04 12.44 9.89
CA ILE B 87 19.91 11.92 10.65
C ILE B 87 19.66 10.42 10.41
N LYS B 88 19.51 10.03 9.14
CA LYS B 88 19.17 8.65 8.78
C LYS B 88 20.36 7.72 8.77
N GLY B 89 21.57 8.27 8.69
CA GLY B 89 22.78 7.46 8.59
C GLY B 89 22.88 6.79 7.23
N LYS B 90 23.40 5.57 7.22
CA LYS B 90 23.59 4.81 5.98
C LYS B 90 22.24 4.36 5.40
N LEU B 91 21.92 4.82 4.19
CA LEU B 91 20.68 4.43 3.52
C LEU B 91 20.98 3.68 2.26
N HIS B 92 20.03 2.83 1.88
CA HIS B 92 20.04 2.09 0.65
C HIS B 92 19.07 2.81 -0.28
N PHE B 93 19.65 3.49 -1.27
CA PHE B 93 18.90 4.19 -2.28
C PHE B 93 18.75 3.32 -3.52
N HIS B 94 17.68 3.55 -4.27
CA HIS B 94 17.37 2.78 -5.46
C HIS B 94 16.78 3.67 -6.55
N ASN B 95 17.59 4.05 -7.52
CA ASN B 95 17.06 4.68 -8.73
C ASN B 95 16.44 3.62 -9.64
N ILE B 96 15.37 4.01 -10.31
CA ILE B 96 14.57 3.11 -11.16
C ILE B 96 14.74 3.57 -12.61
N ILE B 97 15.31 2.71 -13.44
CA ILE B 97 15.65 3.05 -14.82
C ILE B 97 14.84 2.15 -15.76
N ALA B 98 13.82 2.73 -16.39
CA ALA B 98 12.92 1.97 -17.25
C ALA B 98 13.07 2.42 -18.69
N THR B 99 13.31 1.46 -19.58
CA THR B 99 13.45 1.73 -21.01
C THR B 99 12.49 0.91 -21.85
N LEU B 100 12.03 1.49 -22.95
CA LEU B 100 11.33 0.67 -23.95
C LEU B 100 12.32 -0.21 -24.73
N ASN B 101 13.37 0.41 -25.25
CA ASN B 101 14.49 -0.32 -25.80
C ASN B 101 15.71 -0.18 -24.90
N PRO B 102 16.06 -1.26 -24.13
CA PRO B 102 17.28 -1.19 -23.35
C PRO B 102 18.54 -1.09 -24.19
N ASN B 103 18.43 -1.38 -25.50
CA ASN B 103 19.58 -1.31 -26.40
C ASN B 103 19.56 -0.13 -27.36
N ALA B 104 18.78 0.91 -27.02
CA ALA B 104 18.74 2.13 -27.81
C ALA B 104 20.08 2.81 -27.82
N GLU B 105 20.36 3.56 -28.88
CA GLU B 105 21.58 4.36 -28.91
C GLU B 105 21.31 5.76 -28.33
N ARG B 106 20.06 6.21 -28.43
CA ARG B 106 19.67 7.51 -27.87
C ARG B 106 18.36 7.38 -27.11
N TYR B 107 18.15 8.29 -26.15
CA TYR B 107 16.93 8.34 -25.35
C TYR B 107 16.47 9.78 -25.15
N LEU B 108 15.16 9.99 -25.26
CA LEU B 108 14.49 11.02 -24.51
C LEU B 108 14.33 10.43 -23.12
N VAL B 109 14.70 11.17 -22.09
CA VAL B 109 14.47 10.74 -20.72
C VAL B 109 13.39 11.60 -20.02
N LEU B 110 12.34 10.97 -19.49
CA LEU B 110 11.40 11.67 -18.61
C LEU B 110 11.59 11.10 -17.21
N SER B 111 11.48 11.98 -16.21
CA SER B 111 11.96 11.70 -14.87
C SER B 111 11.26 12.51 -13.79
N ALA B 112 11.20 11.91 -12.61
CA ALA B 112 10.75 12.58 -11.39
C ALA B 112 11.35 11.86 -10.22
N HIS B 113 11.27 12.43 -9.02
CA HIS B 113 11.73 11.68 -7.84
C HIS B 113 10.57 10.97 -7.16
N TYR B 114 10.78 9.75 -6.66
CA TYR B 114 9.70 8.98 -6.01
C TYR B 114 9.77 8.96 -4.49
N ASP B 115 10.93 9.34 -3.92
CA ASP B 115 11.02 9.53 -2.49
C ASP B 115 10.19 10.73 -2.04
N SER B 116 9.82 10.70 -0.76
CA SER B 116 9.20 11.82 -0.09
C SER B 116 10.10 12.28 1.04
N LYS B 117 10.07 13.58 1.26
CA LYS B 117 10.94 14.24 2.19
C LYS B 117 10.71 13.81 3.62
N TYR B 118 11.80 13.52 4.33
CA TYR B 118 11.70 13.16 5.72
C TYR B 118 11.36 14.44 6.48
N MET B 119 10.31 14.39 7.29
CA MET B 119 9.85 15.56 8.05
C MET B 119 9.60 15.04 9.46
N PRO B 120 10.52 15.37 10.39
CA PRO B 120 10.40 14.82 11.75
C PRO B 120 9.06 15.18 12.36
N GLY B 121 8.40 14.16 12.91
CA GLY B 121 7.18 14.32 13.72
C GLY B 121 5.86 14.40 12.98
N VAL B 122 5.91 14.44 11.66
CA VAL B 122 4.71 14.64 10.84
C VAL B 122 4.78 13.72 9.62
N GLU B 123 3.64 13.32 9.09
CA GLU B 123 3.63 12.64 7.81
C GLU B 123 3.67 13.69 6.72
N PHE B 124 4.54 13.49 5.74
CA PHE B 124 4.59 14.38 4.56
C PHE B 124 4.41 13.51 3.34
N LEU B 125 3.35 13.79 2.58
CA LEU B 125 2.95 12.96 1.47
C LEU B 125 3.53 13.41 0.13
N GLY B 126 3.91 14.70 0.02
CA GLY B 126 4.54 15.17 -1.20
C GLY B 126 3.66 14.85 -2.39
N ALA B 127 2.46 15.41 -2.41
CA ALA B 127 1.55 15.16 -3.56
C ALA B 127 2.10 15.78 -4.86
N THR B 128 2.51 17.03 -4.81
CA THR B 128 3.07 17.66 -6.00
C THR B 128 4.54 17.27 -6.14
N ASP B 129 5.11 16.75 -5.05
CA ASP B 129 6.54 16.67 -4.84
C ASP B 129 6.95 15.28 -4.29
N SER B 130 6.98 14.26 -5.14
CA SER B 130 6.55 14.31 -6.55
C SER B 130 5.67 13.12 -6.98
N ALA B 131 4.68 12.85 -6.16
CA ALA B 131 3.74 11.76 -6.42
C ALA B 131 3.04 11.94 -7.75
N VAL B 132 2.48 13.13 -7.97
CA VAL B 132 1.79 13.42 -9.20
C VAL B 132 2.72 13.35 -10.42
N PRO B 133 3.91 14.00 -10.37
CA PRO B 133 4.86 13.76 -11.49
C PRO B 133 5.12 12.25 -11.79
N ALA B 134 5.38 11.47 -10.75
CA ALA B 134 5.68 10.04 -10.94
C ALA B 134 4.48 9.30 -11.54
N ALA B 135 3.28 9.60 -11.05
CA ALA B 135 2.04 9.08 -11.60
C ALA B 135 1.87 9.51 -13.05
N MET B 136 2.20 10.76 -13.40
CA MET B 136 2.06 11.21 -14.77
C MET B 136 2.83 10.31 -15.73
N LEU B 137 4.05 9.91 -15.33
CA LEU B 137 4.89 9.03 -16.15
C LEU B 137 4.40 7.60 -16.28
N LEU B 138 3.89 7.01 -15.20
CA LEU B 138 3.31 5.66 -15.30
C LEU B 138 2.07 5.72 -16.15
N ASN B 139 1.33 6.82 -16.04
CA ASN B 139 0.10 7.00 -16.78
C ASN B 139 0.40 7.19 -18.28
N LEU B 140 1.51 7.86 -18.58
CA LEU B 140 1.97 8.05 -19.95
C LEU B 140 2.24 6.71 -20.66
N ALA B 141 3.00 5.84 -20.00
CA ALA B 141 3.26 4.47 -20.45
C ALA B 141 1.94 3.68 -20.70
N GLN B 142 1.02 3.76 -19.75
CA GLN B 142 -0.30 3.11 -19.85
C GLN B 142 -1.13 3.65 -21.03
N VAL B 143 -1.35 4.97 -21.03
CA VAL B 143 -2.15 5.65 -22.04
C VAL B 143 -1.64 5.49 -23.46
N LEU B 144 -0.31 5.60 -23.62
CA LEU B 144 0.32 5.64 -24.95
C LEU B 144 0.95 4.32 -25.38
N GLN B 145 0.55 3.23 -24.73
CA GLN B 145 1.20 1.95 -24.98
C GLN B 145 1.23 1.53 -26.46
N GLU B 146 0.11 1.69 -27.18
CA GLU B 146 0.06 1.31 -28.61
C GLU B 146 1.07 2.10 -29.41
N GLN B 147 1.15 3.39 -29.11
CA GLN B 147 1.98 4.30 -29.88
C GLN B 147 3.44 4.13 -29.57
N LEU B 148 3.74 3.74 -28.34
CA LEU B 148 5.15 3.58 -27.94
C LEU B 148 5.77 2.27 -28.38
N LYS B 149 4.99 1.33 -28.91
CA LYS B 149 5.50 -0.03 -29.20
C LYS B 149 6.73 -0.06 -30.14
N PRO B 150 6.71 0.73 -31.22
CA PRO B 150 7.84 0.76 -32.14
C PRO B 150 9.15 1.18 -31.45
N LEU B 151 9.02 1.91 -30.34
CA LEU B 151 10.18 2.40 -29.63
C LEU B 151 10.92 1.34 -28.85
N LYS B 152 10.38 0.12 -28.76
CA LYS B 152 11.08 -0.98 -28.10
C LYS B 152 12.25 -1.50 -28.92
N LYS B 153 12.30 -1.17 -30.21
CA LYS B 153 13.42 -1.59 -31.06
C LYS B 153 14.00 -0.46 -31.93
N SER B 154 13.62 0.78 -31.64
CA SER B 154 14.18 1.93 -32.34
C SER B 154 15.50 2.41 -31.72
N LYS B 155 16.33 3.02 -32.55
CA LYS B 155 17.62 3.51 -32.13
C LYS B 155 17.43 4.71 -31.16
N LEU B 156 16.44 5.56 -31.43
CA LEU B 156 15.98 6.59 -30.45
C LEU B 156 14.76 6.03 -29.74
N SER B 157 14.83 5.97 -28.41
CA SER B 157 13.79 5.38 -27.60
C SER B 157 13.50 6.25 -26.38
N LEU B 158 12.66 5.73 -25.51
CA LEU B 158 12.23 6.43 -24.30
C LEU B 158 12.67 5.71 -23.04
N MET B 159 13.07 6.52 -22.07
CA MET B 159 13.45 6.09 -20.74
C MET B 159 12.59 6.90 -19.79
N LEU B 160 11.97 6.18 -18.84
CA LEU B 160 11.37 6.79 -17.65
C LEU B 160 12.29 6.52 -16.48
N LEU B 161 12.79 7.61 -15.89
CA LEU B 161 13.79 7.51 -14.83
C LEU B 161 13.22 8.07 -13.53
N PHE B 162 13.15 7.24 -12.49
CA PHE B 162 12.63 7.70 -11.20
C PHE B 162 13.77 7.76 -10.21
N PHE B 163 14.15 9.00 -9.89
CA PHE B 163 15.23 9.31 -8.97
C PHE B 163 14.78 9.01 -7.57
N ASP B 164 15.71 8.48 -6.79
CA ASP B 164 15.54 8.27 -5.36
C ASP B 164 16.36 9.31 -4.64
N GLY B 165 16.00 9.59 -3.40
CA GLY B 165 16.86 10.42 -2.55
C GLY B 165 17.00 11.88 -3.00
N GLU B 166 16.01 12.40 -3.73
CA GLU B 166 16.04 13.79 -4.15
C GLU B 166 16.10 14.74 -2.95
N GLU B 167 15.31 14.42 -1.92
CA GLU B 167 15.15 15.37 -0.82
C GLU B 167 16.27 15.32 0.20
N ALA B 168 16.57 16.49 0.76
CA ALA B 168 17.42 16.63 1.90
C ALA B 168 16.75 15.98 3.12
N PHE B 169 17.57 15.43 4.02
CA PHE B 169 17.07 14.92 5.29
C PHE B 169 17.14 15.94 6.41
N GLU B 170 18.15 16.80 6.40
CA GLU B 170 18.32 17.78 7.47
C GLU B 170 18.14 19.22 6.95
N GLU B 171 18.94 19.56 5.97
CA GLU B 171 18.96 20.88 5.40
C GLU B 171 19.57 20.74 4.01
N TRP B 172 18.88 21.26 3.01
CA TRP B 172 19.30 21.14 1.64
C TRP B 172 20.62 21.86 1.42
N GLY B 173 21.58 21.11 0.89
CA GLY B 173 22.85 21.63 0.45
C GLY B 173 23.57 20.54 -0.31
N PRO B 174 24.82 20.80 -0.72
CA PRO B 174 25.54 19.92 -1.63
C PRO B 174 25.75 18.50 -1.13
N LYS B 175 25.83 18.30 0.18
CA LYS B 175 26.01 16.96 0.73
C LYS B 175 24.70 16.36 1.25
N ASP B 176 23.60 17.12 1.19
CA ASP B 176 22.32 16.65 1.71
C ASP B 176 21.24 17.08 0.72
N SER B 177 21.14 16.31 -0.35
CA SER B 177 20.15 16.52 -1.39
C SER B 177 20.53 15.61 -2.56
N ILE B 178 19.56 15.35 -3.42
CA ILE B 178 19.80 14.70 -4.72
C ILE B 178 20.79 13.53 -4.68
N TYR B 179 20.59 12.66 -3.70
CA TYR B 179 21.44 11.46 -3.52
C TYR B 179 21.46 10.53 -4.72
N GLY B 180 20.28 10.17 -5.21
CA GLY B 180 20.16 9.22 -6.32
C GLY B 180 20.71 9.78 -7.62
N ALA B 181 20.42 11.04 -7.86
CA ALA B 181 20.87 11.74 -9.07
C ALA B 181 22.38 11.95 -9.08
N ARG B 182 22.97 12.33 -7.95
CA ARG B 182 24.43 12.53 -7.90
C ARG B 182 25.11 11.18 -8.16
N HIS B 183 24.63 10.10 -7.55
CA HIS B 183 25.20 8.75 -7.81
C HIS B 183 25.09 8.34 -9.27
N LEU B 184 23.88 8.42 -9.81
CA LEU B 184 23.59 7.89 -11.13
C LEU B 184 24.31 8.70 -12.23
N ALA B 185 24.28 10.02 -12.10
CA ALA B 185 25.02 10.90 -13.01
C ALA B 185 26.54 10.68 -12.98
N LYS B 186 27.10 10.43 -11.81
CA LYS B 186 28.53 10.15 -11.69
C LYS B 186 28.85 8.80 -12.32
N LYS B 187 28.02 7.81 -12.02
CA LYS B 187 28.21 6.44 -12.52
C LYS B 187 28.16 6.41 -14.04
N TRP B 188 27.09 6.95 -14.61
CA TRP B 188 26.88 6.91 -16.06
C TRP B 188 27.89 7.76 -16.82
N HIS B 189 28.30 8.86 -16.21
CA HIS B 189 29.35 9.71 -16.77
C HIS B 189 30.65 8.92 -16.85
N HIS B 190 30.99 8.27 -15.75
CA HIS B 190 32.12 7.33 -15.69
C HIS B 190 32.02 6.24 -16.74
N GLU B 191 30.83 5.69 -16.93
CA GLU B 191 30.61 4.57 -17.86
C GLU B 191 30.24 4.92 -19.30
N GLY B 192 30.40 6.18 -19.68
CA GLY B 192 30.04 6.63 -21.02
C GLY B 192 28.57 6.46 -21.35
N LYS B 193 27.70 6.61 -20.36
CA LYS B 193 26.26 6.42 -20.53
C LYS B 193 25.50 7.72 -20.45
N LEU B 194 26.17 8.86 -20.58
CA LEU B 194 25.47 10.15 -20.51
C LEU B 194 25.21 10.79 -21.87
N ASP B 195 26.19 10.63 -22.78
CA ASP B 195 26.08 11.05 -24.16
C ASP B 195 24.75 10.70 -24.81
N ARG B 196 24.30 9.46 -24.58
CA ARG B 196 23.07 8.87 -25.15
C ARG B 196 21.75 9.53 -24.69
N ILE B 197 21.81 10.35 -23.67
CA ILE B 197 20.64 11.10 -23.24
C ILE B 197 20.53 12.32 -24.15
N ASP B 198 19.53 12.32 -25.02
CA ASP B 198 19.30 13.45 -25.93
C ASP B 198 19.00 14.63 -25.05
N MET B 199 18.09 14.40 -24.10
CA MET B 199 17.62 15.42 -23.18
C MET B 199 17.03 14.77 -21.93
N LEU B 200 17.42 15.25 -20.76
CA LEU B 200 16.71 14.90 -19.53
C LEU B 200 15.60 15.93 -19.18
N VAL B 201 14.36 15.47 -19.27
CA VAL B 201 13.18 16.21 -18.88
C VAL B 201 12.83 15.82 -17.46
N LEU B 202 12.82 16.80 -16.61
CA LEU B 202 12.55 16.58 -15.20
C LEU B 202 11.25 17.22 -14.78
N LEU B 203 10.33 16.39 -14.31
CA LEU B 203 9.05 16.84 -13.78
C LEU B 203 9.14 16.93 -12.27
N ASP B 204 8.78 18.08 -11.75
CA ASP B 204 8.73 18.31 -10.32
C ASP B 204 7.72 19.37 -9.90
N LEU B 205 7.06 19.15 -8.77
CA LEU B 205 6.11 20.10 -8.20
C LEU B 205 4.92 20.32 -9.16
N LEU B 206 4.38 19.24 -9.68
CA LEU B 206 3.23 19.36 -10.57
C LEU B 206 1.97 18.88 -9.86
N GLY B 207 0.83 19.51 -10.16
CA GLY B 207 -0.47 19.07 -9.61
C GLY B 207 -1.26 20.17 -8.95
N ALA B 208 -0.59 21.23 -8.50
CA ALA B 208 -1.27 22.35 -7.89
C ALA B 208 -1.88 23.22 -8.97
N PRO B 209 -2.86 24.05 -8.60
CA PRO B 209 -3.44 24.97 -9.57
C PRO B 209 -2.43 25.98 -10.09
N ASP B 210 -2.65 26.49 -11.30
CA ASP B 210 -1.99 27.71 -11.79
C ASP B 210 -0.45 27.69 -11.87
N PRO B 211 0.16 26.62 -12.39
CA PRO B 211 1.60 26.69 -12.54
C PRO B 211 2.02 27.55 -13.74
N ALA B 212 3.18 28.19 -13.62
CA ALA B 212 3.76 28.94 -14.73
C ALA B 212 5.11 28.33 -14.98
N PHE B 213 5.38 28.01 -16.24
CA PHE B 213 6.65 27.42 -16.65
C PHE B 213 7.42 28.40 -17.53
N TYR B 214 8.74 28.33 -17.41
CA TYR B 214 9.70 29.11 -18.15
C TYR B 214 10.81 28.17 -18.65
N SER B 215 11.48 28.57 -19.72
CA SER B 215 12.67 27.86 -20.18
C SER B 215 13.84 28.30 -19.34
N PHE B 216 14.58 27.31 -18.83
CA PHE B 216 15.72 27.59 -17.97
C PHE B 216 17.08 27.53 -18.68
N PHE B 217 17.17 26.77 -19.77
CA PHE B 217 18.46 26.46 -20.39
C PHE B 217 18.38 26.70 -21.88
N GLU B 218 19.36 27.42 -22.41
CA GLU B 218 19.31 27.87 -23.80
C GLU B 218 19.50 26.73 -24.79
N ASN B 219 20.21 25.70 -24.37
CA ASN B 219 20.41 24.56 -25.27
C ASN B 219 19.16 23.69 -25.44
N THR B 220 18.15 23.84 -24.59
CA THR B 220 16.85 23.15 -24.75
C THR B 220 15.66 24.10 -24.92
N GLU B 221 15.95 25.37 -25.15
CA GLU B 221 14.94 26.41 -25.29
C GLU B 221 14.02 26.09 -26.45
N SER B 222 14.58 25.61 -27.56
CA SER B 222 13.75 25.20 -28.67
C SER B 222 12.84 23.99 -28.34
N TRP B 223 13.27 23.08 -27.47
CA TRP B 223 12.37 21.98 -27.07
C TRP B 223 11.37 22.42 -26.02
N TYR B 224 11.77 23.39 -25.20
CA TYR B 224 10.80 24.11 -24.37
C TYR B 224 9.71 24.72 -25.26
N MET B 225 10.10 25.28 -26.40
CA MET B 225 9.11 25.91 -27.28
C MET B 225 8.19 24.95 -27.99
N ARG B 226 8.63 23.72 -28.17
CA ARG B 226 7.78 22.68 -28.69
C ARG B 226 6.65 22.40 -27.70
N ILE B 227 6.98 22.32 -26.41
CA ILE B 227 5.95 21.97 -25.45
C ILE B 227 5.03 23.18 -25.27
N GLN B 228 5.58 24.39 -25.36
CA GLN B 228 4.72 25.58 -25.42
C GLN B 228 3.80 25.50 -26.64
N SER B 229 4.35 25.12 -27.80
CA SER B 229 3.53 24.98 -29.01
C SER B 229 2.43 23.92 -28.80
N VAL B 230 2.80 22.80 -28.19
CA VAL B 230 1.82 21.74 -27.94
C VAL B 230 0.63 22.29 -27.15
N GLU B 231 0.90 23.07 -26.12
CA GLU B 231 -0.16 23.66 -25.33
C GLU B 231 -1.04 24.61 -26.17
N THR B 232 -0.41 25.48 -26.95
CA THR B 232 -1.11 26.37 -27.87
C THR B 232 -2.03 25.57 -28.82
N ARG B 233 -1.50 24.50 -29.44
CA ARG B 233 -2.29 23.76 -30.41
C ARG B 233 -3.40 22.96 -29.75
N LEU B 234 -3.16 22.49 -28.53
CA LEU B 234 -4.17 21.78 -27.81
C LEU B 234 -5.35 22.69 -27.46
N ALA B 235 -5.05 23.90 -26.99
CA ALA B 235 -6.08 24.87 -26.67
C ALA B 235 -6.85 25.29 -27.95
N LYS B 236 -6.12 25.50 -29.03
CA LYS B 236 -6.76 25.85 -30.31
C LYS B 236 -7.78 24.78 -30.69
N LEU B 237 -7.42 23.52 -30.50
CA LEU B 237 -8.27 22.41 -30.92
C LEU B 237 -9.39 22.12 -29.92
N GLN B 238 -9.21 22.51 -28.67
CA GLN B 238 -10.26 22.36 -27.67
C GLN B 238 -11.14 23.62 -27.61
N ARG B 255 -3.09 29.55 -19.31
CA ARG B 255 -1.87 29.12 -20.02
C ARG B 255 -0.69 28.86 -19.06
N TYR B 256 -0.16 27.63 -19.03
CA TYR B 256 0.94 27.29 -18.12
C TYR B 256 2.30 27.72 -18.67
N PHE B 257 2.58 27.33 -19.92
CA PHE B 257 3.88 27.56 -20.50
C PHE B 257 4.02 28.97 -21.06
N GLN B 258 4.77 29.77 -20.35
CA GLN B 258 5.09 31.14 -20.81
C GLN B 258 6.14 31.04 -21.94
N SER B 259 6.10 31.96 -22.90
CA SER B 259 7.11 32.01 -23.97
C SER B 259 8.27 32.89 -23.53
N GLN B 260 8.81 32.53 -22.37
CA GLN B 260 9.82 33.30 -21.70
C GLN B 260 10.89 32.39 -21.08
N ALA B 261 12.11 32.90 -21.08
CA ALA B 261 13.23 32.21 -20.45
C ALA B 261 13.47 32.90 -19.12
N MET B 262 13.75 32.09 -18.10
CA MET B 262 14.22 32.58 -16.81
C MET B 262 15.74 32.45 -16.81
N ARG B 263 16.43 33.57 -16.60
CA ARG B 263 17.89 33.57 -16.49
C ARG B 263 18.27 33.65 -15.02
N SER B 264 19.45 33.14 -14.69
CA SER B 264 20.04 33.32 -13.36
C SER B 264 19.07 32.78 -12.31
N SER B 265 18.58 31.57 -12.52
CA SER B 265 17.57 30.99 -11.64
C SER B 265 18.23 30.06 -10.64
N PHE B 266 19.13 29.21 -11.13
CA PHE B 266 19.93 28.28 -10.31
C PHE B 266 19.09 27.42 -9.36
N ILE B 267 17.97 26.91 -9.86
CA ILE B 267 17.12 26.02 -9.10
C ILE B 267 17.78 24.64 -8.99
N GLU B 268 18.06 24.21 -7.76
CA GLU B 268 18.67 22.92 -7.55
C GLU B 268 17.65 21.79 -7.52
N ASP B 269 18.00 20.67 -8.16
CA ASP B 269 17.12 19.52 -8.26
C ASP B 269 17.92 18.36 -8.87
N ASP B 270 17.24 17.26 -9.17
CA ASP B 270 17.90 16.06 -9.67
C ASP B 270 18.70 16.27 -10.98
N HIS B 271 18.33 17.28 -11.76
CA HIS B 271 19.05 17.58 -12.99
C HIS B 271 20.49 18.12 -12.82
N ILE B 272 20.80 18.71 -11.67
CA ILE B 272 22.07 19.43 -11.47
C ILE B 272 23.34 18.61 -11.79
N PRO B 273 23.45 17.36 -11.29
CA PRO B 273 24.60 16.54 -11.61
C PRO B 273 24.69 16.15 -13.10
N PHE B 274 23.56 16.19 -13.79
CA PHE B 274 23.48 15.88 -15.19
C PHE B 274 23.87 17.13 -15.96
N LEU B 275 23.31 18.25 -15.54
CA LEU B 275 23.61 19.55 -16.12
C LEU B 275 25.13 19.83 -16.13
N ARG B 276 25.73 19.70 -14.93
N ARG B 276 25.77 19.71 -14.97
CA ARG B 276 27.17 19.83 -14.71
CA ARG B 276 27.20 19.98 -14.88
C ARG B 276 28.03 18.96 -15.63
C ARG B 276 28.07 18.89 -15.54
N ARG B 277 27.45 17.87 -16.14
CA ARG B 277 28.17 16.93 -17.02
C ARG B 277 27.60 17.03 -18.41
N ASN B 278 27.14 18.23 -18.79
CA ASN B 278 26.85 18.51 -20.19
C ASN B 278 25.61 17.79 -20.74
N VAL B 279 24.73 17.30 -19.85
CA VAL B 279 23.46 16.72 -20.29
C VAL B 279 22.44 17.84 -20.40
N PRO B 280 21.87 18.01 -21.59
CA PRO B 280 20.84 19.00 -21.78
C PRO B 280 19.56 18.66 -20.99
N ILE B 281 19.02 19.69 -20.33
CA ILE B 281 17.92 19.58 -19.38
C ILE B 281 16.74 20.42 -19.79
N LEU B 282 15.55 19.83 -19.69
CA LEU B 282 14.28 20.54 -19.69
C LEU B 282 13.64 20.34 -18.31
N HIS B 283 13.54 21.43 -17.56
CA HIS B 283 13.15 21.33 -16.17
C HIS B 283 11.74 21.84 -16.01
N LEU B 284 10.82 20.89 -15.98
CA LEU B 284 9.41 21.18 -15.89
C LEU B 284 9.04 21.31 -14.40
N ILE B 285 9.32 22.49 -13.87
CA ILE B 285 9.06 22.83 -12.46
C ILE B 285 8.49 24.24 -12.48
N PRO B 286 7.35 24.45 -11.80
CA PRO B 286 6.69 25.76 -11.83
C PRO B 286 7.42 26.79 -11.00
N VAL B 287 7.36 28.05 -11.42
CA VAL B 287 7.96 29.15 -10.66
C VAL B 287 6.93 30.27 -10.63
N PRO B 288 6.41 30.60 -9.43
CA PRO B 288 6.85 30.09 -8.14
C PRO B 288 6.40 28.65 -7.86
N PHE B 289 7.05 28.06 -6.85
CA PHE B 289 6.65 26.73 -6.36
C PHE B 289 5.27 26.80 -5.75
N PRO B 290 4.57 25.66 -5.71
CA PRO B 290 3.26 25.67 -5.07
C PRO B 290 3.34 26.25 -3.65
N SER B 291 2.29 26.92 -3.21
CA SER B 291 2.29 27.58 -1.87
C SER B 291 2.45 26.56 -0.75
N VAL B 292 2.07 25.32 -1.00
CA VAL B 292 2.14 24.26 0.03
C VAL B 292 3.51 23.60 0.15
N TRP B 293 4.48 24.05 -0.65
CA TRP B 293 5.78 23.37 -0.78
C TRP B 293 6.40 23.07 0.57
N HIS B 294 6.74 21.80 0.77
CA HIS B 294 7.40 21.34 1.98
C HIS B 294 6.62 21.56 3.26
N THR B 295 5.30 21.53 3.12
CA THR B 295 4.41 21.42 4.29
C THR B 295 3.53 20.19 4.10
N PRO B 296 2.96 19.64 5.21
CA PRO B 296 1.97 18.56 5.03
C PRO B 296 0.73 18.94 4.24
N ASP B 297 0.55 20.23 3.92
CA ASP B 297 -0.56 20.63 3.04
C ASP B 297 -0.35 20.17 1.59
N ASP B 298 0.85 19.69 1.27
CA ASP B 298 1.12 19.09 -0.02
C ASP B 298 0.61 17.66 0.04
N ASN B 299 -0.72 17.54 -0.03
CA ASN B 299 -1.42 16.28 0.17
C ASN B 299 -2.51 16.10 -0.93
N ALA B 300 -3.34 15.08 -0.81
CA ALA B 300 -4.38 14.78 -1.83
C ALA B 300 -5.29 15.98 -2.10
N SER B 301 -5.60 16.75 -1.05
CA SER B 301 -6.45 17.95 -1.18
C SER B 301 -5.85 19.11 -1.97
N VAL B 302 -4.53 19.14 -2.17
CA VAL B 302 -3.98 20.20 -2.96
C VAL B 302 -4.11 19.89 -4.47
N ILE B 303 -4.30 18.62 -4.82
CA ILE B 303 -4.22 18.26 -6.22
C ILE B 303 -5.41 18.87 -7.00
N ASP B 304 -5.11 19.58 -8.08
CA ASP B 304 -6.13 20.13 -8.91
C ASP B 304 -6.23 19.26 -10.15
N TYR B 305 -7.33 18.53 -10.27
CA TYR B 305 -7.35 17.43 -11.24
C TYR B 305 -7.52 17.89 -12.69
N ALA B 306 -8.17 19.02 -12.88
CA ALA B 306 -8.26 19.65 -14.21
C ALA B 306 -6.85 20.03 -14.70
N THR B 307 -6.07 20.63 -13.82
CA THR B 307 -4.69 21.02 -14.10
C THR B 307 -3.82 19.75 -14.31
N THR B 308 -4.03 18.76 -13.48
CA THR B 308 -3.23 17.53 -13.58
C THR B 308 -3.51 16.81 -14.88
N ASP B 309 -4.78 16.66 -15.24
CA ASP B 309 -5.19 16.01 -16.49
C ASP B 309 -4.65 16.79 -17.70
N ASN B 310 -4.72 18.12 -17.64
CA ASN B 310 -4.27 18.92 -18.80
C ASN B 310 -2.75 18.90 -18.98
N LEU B 311 -2.02 19.06 -17.89
CA LEU B 311 -0.58 19.08 -17.94
C LEU B 311 -0.09 17.70 -18.38
N ALA B 312 -0.69 16.64 -17.86
CA ALA B 312 -0.31 15.28 -18.26
C ALA B 312 -0.46 15.06 -19.75
N LEU B 313 -1.60 15.51 -20.28
CA LEU B 313 -1.88 15.44 -21.70
C LEU B 313 -0.83 16.21 -22.49
N ILE B 314 -0.56 17.45 -22.08
CA ILE B 314 0.49 18.25 -22.77
C ILE B 314 1.84 17.48 -22.78
N ILE B 315 2.19 16.90 -21.64
CA ILE B 315 3.44 16.18 -21.55
C ILE B 315 3.47 14.92 -22.45
N ARG B 316 2.41 14.13 -22.46
CA ARG B 316 2.37 12.94 -23.35
C ARG B 316 2.51 13.36 -24.81
N LEU B 317 1.88 14.47 -25.17
CA LEU B 317 1.92 14.90 -26.58
C LEU B 317 3.34 15.37 -26.90
N PHE B 318 3.99 16.04 -25.94
CA PHE B 318 5.38 16.46 -26.08
C PHE B 318 6.30 15.27 -26.36
N ALA B 319 6.18 14.25 -25.52
CA ALA B 319 6.93 13.01 -25.71
C ALA B 319 6.78 12.48 -27.13
N LEU B 320 5.54 12.40 -27.60
CA LEU B 320 5.25 11.88 -28.95
C LEU B 320 5.75 12.79 -30.08
N GLU B 321 5.66 14.11 -29.91
CA GLU B 321 6.31 15.06 -30.81
C GLU B 321 7.82 14.81 -30.92
N TYR B 322 8.48 14.67 -29.77
CA TYR B 322 9.94 14.50 -29.77
C TYR B 322 10.29 13.15 -30.44
N LEU B 323 9.61 12.09 -30.02
CA LEU B 323 9.96 10.73 -30.42
C LEU B 323 9.49 10.28 -31.80
N LEU B 324 8.30 10.75 -32.20
CA LEU B 324 7.63 10.31 -33.41
C LEU B 324 7.64 11.34 -34.55
N ALA B 325 7.35 12.61 -34.26
CA ALA B 325 7.33 13.65 -35.30
C ALA B 325 8.75 13.93 -35.79
#